data_6VY7
#
_entry.id   6VY7
#
_entity_poly.entity_id   1
_entity_poly.type   'polypeptide(L)'
_entity_poly.pdbx_seq_one_letter_code
;MCCGEGSSCPKYFRNSQICHCC(NH2)
;
_entity_poly.pdbx_strand_id   A
#
# COMPACT_ATOMS: atom_id res chain seq x y z
N MET A 1 -5.83 -0.27 -5.65
CA MET A 1 -6.02 0.50 -4.41
C MET A 1 -4.73 1.17 -3.98
N CYS A 2 -4.64 2.46 -4.25
CA CYS A 2 -3.53 3.27 -3.80
C CYS A 2 -3.82 3.91 -2.46
N CYS A 3 -2.87 3.82 -1.55
CA CYS A 3 -3.02 4.37 -0.22
C CYS A 3 -2.11 5.59 0.00
N GLY A 4 -1.75 6.27 -1.08
CA GLY A 4 -0.92 7.44 -0.94
C GLY A 4 -0.26 7.87 -2.23
N GLU A 5 -0.75 8.97 -2.79
CA GLU A 5 -0.18 9.52 -4.01
C GLU A 5 1.20 10.12 -3.73
N GLY A 6 2.11 9.91 -4.66
CA GLY A 6 3.46 10.42 -4.51
C GLY A 6 4.23 9.68 -3.44
N SER A 7 3.70 8.53 -3.05
CA SER A 7 4.26 7.76 -1.98
C SER A 7 4.54 6.32 -2.41
N SER A 8 5.47 5.66 -1.73
CA SER A 8 5.85 4.30 -2.05
C SER A 8 5.53 3.36 -0.88
N CYS A 9 4.39 3.60 -0.27
CA CYS A 9 3.96 2.84 0.90
C CYS A 9 2.89 1.80 0.57
N PRO A 10 3.24 0.52 0.52
CA PRO A 10 2.25 -0.52 0.51
C PRO A 10 1.92 -1.00 1.90
N LYS A 11 0.68 -1.40 2.09
CA LYS A 11 0.24 -1.87 3.38
C LYS A 11 0.06 -3.37 3.34
N TYR A 12 0.52 -4.06 4.36
CA TYR A 12 0.33 -5.48 4.46
C TYR A 12 -0.44 -5.85 5.70
N PHE A 13 -1.30 -6.83 5.57
CA PHE A 13 -2.02 -7.38 6.70
C PHE A 13 -1.43 -8.74 6.98
N ARG A 14 -0.71 -8.86 8.08
CA ARG A 14 0.07 -10.05 8.38
C ARG A 14 1.21 -10.20 7.37
N ASN A 15 0.87 -10.71 6.19
CA ASN A 15 1.83 -10.87 5.10
C ASN A 15 1.14 -10.69 3.76
N SER A 16 -0.04 -10.11 3.80
CA SER A 16 -0.84 -9.94 2.60
C SER A 16 -0.93 -8.48 2.22
N GLN A 17 -0.42 -8.12 1.05
CA GLN A 17 -0.49 -6.74 0.60
C GLN A 17 -1.95 -6.35 0.38
N ILE A 18 -2.40 -5.38 1.14
CA ILE A 18 -3.79 -4.95 1.08
C ILE A 18 -3.94 -3.69 0.23
N CYS A 19 -2.82 -3.03 -0.02
CA CYS A 19 -2.80 -1.90 -0.93
C CYS A 19 -1.37 -1.45 -1.15
N HIS A 20 -1.21 -0.56 -2.10
CA HIS A 20 0.07 0.04 -2.41
C HIS A 20 -0.12 1.52 -2.51
N CYS A 21 0.94 2.27 -2.49
CA CYS A 21 0.83 3.71 -2.61
C CYS A 21 1.10 4.12 -4.06
N CYS A 22 0.42 5.18 -4.48
CA CYS A 22 0.50 5.63 -5.86
C CYS A 22 1.64 6.63 -6.02
N MET A 1 -5.85 -0.68 -5.20
CA MET A 1 -6.06 0.24 -4.07
C MET A 1 -4.79 1.00 -3.73
N CYS A 2 -4.78 2.28 -4.06
CA CYS A 2 -3.67 3.15 -3.72
C CYS A 2 -3.92 3.85 -2.39
N CYS A 3 -2.94 3.75 -1.50
CA CYS A 3 -3.03 4.36 -0.18
C CYS A 3 -2.16 5.60 -0.07
N GLY A 4 -1.86 6.24 -1.20
CA GLY A 4 -1.09 7.47 -1.15
C GLY A 4 -0.38 7.78 -2.44
N GLU A 5 -0.73 8.91 -3.04
CA GLU A 5 -0.08 9.35 -4.26
C GLU A 5 1.26 10.01 -3.94
N GLY A 6 2.20 9.91 -4.88
CA GLY A 6 3.52 10.48 -4.67
C GLY A 6 4.26 9.77 -3.56
N SER A 7 3.74 8.62 -3.17
CA SER A 7 4.26 7.87 -2.05
C SER A 7 4.56 6.43 -2.46
N SER A 8 5.47 5.78 -1.76
CA SER A 8 5.83 4.40 -2.05
C SER A 8 5.58 3.50 -0.85
N CYS A 9 4.45 3.76 -0.19
CA CYS A 9 4.06 3.04 1.01
C CYS A 9 3.00 1.98 0.77
N PRO A 10 3.34 0.69 0.76
CA PRO A 10 2.34 -0.34 0.77
C PRO A 10 1.99 -0.79 2.18
N LYS A 11 0.79 -1.31 2.33
CA LYS A 11 0.33 -1.78 3.61
C LYS A 11 0.03 -3.27 3.50
N TYR A 12 0.42 -4.03 4.50
CA TYR A 12 0.20 -5.46 4.49
C TYR A 12 -0.61 -5.91 5.69
N PHE A 13 -1.37 -6.96 5.49
CA PHE A 13 -2.09 -7.59 6.56
C PHE A 13 -1.49 -8.96 6.77
N ARG A 14 -0.75 -9.10 7.86
CA ARG A 14 0.00 -10.32 8.15
C ARG A 14 1.16 -10.47 7.18
N ASN A 15 0.85 -10.79 5.94
CA ASN A 15 1.84 -10.91 4.88
C ASN A 15 1.19 -10.69 3.52
N SER A 16 -0.01 -10.15 3.52
CA SER A 16 -0.73 -9.92 2.28
C SER A 16 -0.89 -8.44 2.03
N GLN A 17 -0.46 -7.97 0.87
CA GLN A 17 -0.52 -6.54 0.57
C GLN A 17 -1.97 -6.12 0.38
N ILE A 18 -2.45 -5.27 1.26
CA ILE A 18 -3.84 -4.82 1.21
C ILE A 18 -3.98 -3.56 0.37
N CYS A 19 -2.86 -2.88 0.17
CA CYS A 19 -2.82 -1.72 -0.70
C CYS A 19 -1.39 -1.26 -0.88
N HIS A 20 -1.18 -0.49 -1.92
CA HIS A 20 0.12 0.11 -2.19
C HIS A 20 -0.07 1.60 -2.39
N CYS A 21 1.02 2.33 -2.33
CA CYS A 21 0.94 3.76 -2.53
C CYS A 21 1.28 4.10 -3.97
N CYS A 22 0.32 4.77 -4.60
CA CYS A 22 0.40 5.17 -6.01
C CYS A 22 1.68 5.95 -6.29
N MET A 1 -5.67 -0.63 -5.31
CA MET A 1 -5.97 0.26 -4.17
C MET A 1 -4.73 1.05 -3.75
N CYS A 2 -4.75 2.34 -4.06
CA CYS A 2 -3.67 3.24 -3.69
C CYS A 2 -3.94 3.91 -2.35
N CYS A 3 -2.96 3.81 -1.47
CA CYS A 3 -3.03 4.42 -0.15
C CYS A 3 -2.11 5.63 -0.02
N GLY A 4 -1.79 6.26 -1.15
CA GLY A 4 -0.96 7.45 -1.12
C GLY A 4 -0.24 7.74 -2.41
N GLU A 5 -0.68 8.79 -3.10
CA GLU A 5 -0.01 9.22 -4.31
C GLU A 5 1.23 10.03 -3.96
N GLY A 6 2.26 9.92 -4.79
CA GLY A 6 3.52 10.56 -4.51
C GLY A 6 4.29 9.82 -3.44
N SER A 7 3.76 8.66 -3.06
CA SER A 7 4.33 7.87 -2.00
C SER A 7 4.55 6.43 -2.46
N SER A 8 5.45 5.72 -1.81
CA SER A 8 5.76 4.34 -2.16
C SER A 8 5.52 3.42 -0.96
N CYS A 9 4.46 3.71 -0.22
CA CYS A 9 4.09 2.97 0.98
C CYS A 9 2.99 1.94 0.75
N PRO A 10 3.31 0.65 0.70
CA PRO A 10 2.27 -0.36 0.71
C PRO A 10 1.92 -0.81 2.11
N LYS A 11 0.72 -1.34 2.24
CA LYS A 11 0.26 -1.83 3.52
C LYS A 11 -0.01 -3.31 3.42
N TYR A 12 0.39 -4.06 4.42
CA TYR A 12 0.19 -5.49 4.44
C TYR A 12 -0.58 -5.92 5.66
N PHE A 13 -1.38 -6.96 5.49
CA PHE A 13 -2.09 -7.57 6.58
C PHE A 13 -1.50 -8.95 6.80
N ARG A 14 -0.82 -9.12 7.93
CA ARG A 14 -0.03 -10.32 8.19
C ARG A 14 1.19 -10.34 7.26
N ASN A 15 0.94 -10.68 6.01
CA ASN A 15 1.96 -10.61 4.98
C ASN A 15 1.29 -10.52 3.60
N SER A 16 0.04 -10.06 3.61
CA SER A 16 -0.73 -9.93 2.40
C SER A 16 -0.91 -8.46 2.05
N GLN A 17 -0.48 -8.05 0.87
CA GLN A 17 -0.56 -6.63 0.50
C GLN A 17 -2.00 -6.23 0.32
N ILE A 18 -2.47 -5.34 1.18
CA ILE A 18 -3.84 -4.89 1.14
C ILE A 18 -3.98 -3.63 0.31
N CYS A 19 -2.87 -2.93 0.13
CA CYS A 19 -2.83 -1.78 -0.76
C CYS A 19 -1.39 -1.34 -0.96
N HIS A 20 -1.21 -0.46 -1.92
CA HIS A 20 0.08 0.11 -2.20
C HIS A 20 -0.07 1.60 -2.31
N CYS A 21 1.01 2.33 -2.30
CA CYS A 21 0.94 3.76 -2.47
C CYS A 21 1.21 4.09 -3.93
N CYS A 22 0.31 4.89 -4.48
CA CYS A 22 0.30 5.23 -5.90
C CYS A 22 1.56 5.96 -6.32
N MET A 1 -5.62 -0.73 -5.13
CA MET A 1 -5.95 0.33 -4.16
C MET A 1 -4.69 1.09 -3.75
N CYS A 2 -4.64 2.35 -4.11
CA CYS A 2 -3.54 3.21 -3.70
C CYS A 2 -3.88 3.93 -2.40
N CYS A 3 -2.98 3.81 -1.44
CA CYS A 3 -3.14 4.45 -0.14
C CYS A 3 -2.33 5.74 -0.04
N GLY A 4 -1.70 6.14 -1.13
CA GLY A 4 -0.91 7.35 -1.11
C GLY A 4 -0.35 7.73 -2.46
N GLU A 5 -0.76 8.87 -2.97
CA GLU A 5 -0.25 9.39 -4.22
C GLU A 5 1.10 10.06 -4.00
N GLY A 6 2.06 9.72 -4.86
CA GLY A 6 3.40 10.27 -4.74
C GLY A 6 4.19 9.59 -3.65
N SER A 7 3.62 8.54 -3.11
CA SER A 7 4.22 7.80 -2.02
C SER A 7 4.53 6.38 -2.45
N SER A 8 5.41 5.71 -1.71
CA SER A 8 5.76 4.32 -2.02
C SER A 8 5.48 3.41 -0.81
N CYS A 9 4.42 3.74 -0.10
CA CYS A 9 4.02 3.01 1.10
C CYS A 9 2.96 1.94 0.84
N PRO A 10 3.32 0.66 0.85
CA PRO A 10 2.34 -0.39 0.86
C PRO A 10 1.96 -0.85 2.26
N LYS A 11 0.76 -1.36 2.38
CA LYS A 11 0.25 -1.86 3.65
C LYS A 11 -0.01 -3.34 3.52
N TYR A 12 0.37 -4.10 4.54
CA TYR A 12 0.19 -5.54 4.50
C TYR A 12 -0.59 -6.02 5.71
N PHE A 13 -1.39 -7.04 5.48
CA PHE A 13 -2.11 -7.71 6.53
C PHE A 13 -1.47 -9.07 6.73
N ARG A 14 -0.74 -9.22 7.84
CA ARG A 14 0.14 -10.37 8.06
C ARG A 14 1.31 -10.32 7.07
N ASN A 15 1.01 -10.64 5.81
CA ASN A 15 1.99 -10.56 4.75
C ASN A 15 1.28 -10.34 3.40
N SER A 16 -0.01 -10.05 3.47
CA SER A 16 -0.80 -9.84 2.27
C SER A 16 -0.95 -8.36 1.99
N GLN A 17 -0.51 -7.91 0.82
CA GLN A 17 -0.58 -6.50 0.50
C GLN A 17 -2.03 -6.07 0.34
N ILE A 18 -2.49 -5.23 1.23
CA ILE A 18 -3.88 -4.80 1.22
C ILE A 18 -4.03 -3.49 0.46
N CYS A 19 -2.92 -2.84 0.22
CA CYS A 19 -2.88 -1.67 -0.64
C CYS A 19 -1.44 -1.23 -0.83
N HIS A 20 -1.23 -0.43 -1.83
CA HIS A 20 0.07 0.14 -2.09
C HIS A 20 -0.07 1.62 -2.31
N CYS A 21 1.01 2.34 -2.25
CA CYS A 21 0.97 3.76 -2.51
C CYS A 21 1.39 4.02 -3.95
N CYS A 22 0.50 4.71 -4.66
CA CYS A 22 0.69 5.04 -6.07
C CYS A 22 2.02 5.74 -6.31
N MET A 1 -5.51 -0.75 -5.31
CA MET A 1 -5.88 0.22 -4.26
C MET A 1 -4.67 1.01 -3.81
N CYS A 2 -4.66 2.30 -4.13
CA CYS A 2 -3.57 3.17 -3.70
C CYS A 2 -3.90 3.84 -2.38
N CYS A 3 -2.95 3.77 -1.46
CA CYS A 3 -3.08 4.34 -0.13
C CYS A 3 -2.20 5.56 0.05
N GLY A 4 -1.79 6.19 -1.04
CA GLY A 4 -0.97 7.37 -0.94
C GLY A 4 -0.33 7.76 -2.24
N GLU A 5 -0.75 8.90 -2.78
CA GLU A 5 -0.20 9.40 -4.03
C GLU A 5 1.16 10.04 -3.79
N GLY A 6 2.03 9.93 -4.78
CA GLY A 6 3.37 10.48 -4.67
C GLY A 6 4.19 9.75 -3.64
N SER A 7 3.70 8.60 -3.21
CA SER A 7 4.33 7.84 -2.16
C SER A 7 4.56 6.39 -2.60
N SER A 8 5.40 5.67 -1.86
CA SER A 8 5.73 4.29 -2.18
C SER A 8 5.48 3.40 -0.97
N CYS A 9 4.44 3.72 -0.21
CA CYS A 9 4.08 2.99 0.99
C CYS A 9 2.99 1.95 0.76
N PRO A 10 3.32 0.66 0.73
CA PRO A 10 2.30 -0.36 0.71
C PRO A 10 1.96 -0.86 2.11
N LYS A 11 0.73 -1.32 2.27
CA LYS A 11 0.26 -1.81 3.54
C LYS A 11 0.03 -3.30 3.45
N TYR A 12 0.42 -4.03 4.48
CA TYR A 12 0.24 -5.47 4.49
C TYR A 12 -0.54 -5.91 5.71
N PHE A 13 -1.37 -6.90 5.51
CA PHE A 13 -2.12 -7.53 6.58
C PHE A 13 -1.52 -8.90 6.80
N ARG A 14 -0.80 -9.04 7.92
CA ARG A 14 -0.01 -10.24 8.20
C ARG A 14 1.15 -10.36 7.23
N ASN A 15 0.83 -10.69 5.98
CA ASN A 15 1.83 -10.78 4.92
C ASN A 15 1.15 -10.57 3.57
N SER A 16 -0.07 -10.06 3.59
CA SER A 16 -0.83 -9.85 2.37
C SER A 16 -0.93 -8.36 2.08
N GLN A 17 -0.45 -7.95 0.91
CA GLN A 17 -0.49 -6.54 0.55
C GLN A 17 -1.93 -6.11 0.31
N ILE A 18 -2.45 -5.29 1.19
CA ILE A 18 -3.83 -4.87 1.12
C ILE A 18 -3.97 -3.61 0.28
N CYS A 19 -2.86 -2.91 0.10
CA CYS A 19 -2.81 -1.77 -0.78
C CYS A 19 -1.38 -1.31 -0.96
N HIS A 20 -1.19 -0.46 -1.94
CA HIS A 20 0.11 0.13 -2.21
C HIS A 20 -0.06 1.62 -2.33
N CYS A 21 1.02 2.34 -2.29
CA CYS A 21 0.95 3.78 -2.50
C CYS A 21 1.27 4.09 -3.95
N CYS A 22 0.39 4.88 -4.55
CA CYS A 22 0.49 5.24 -5.95
C CYS A 22 1.76 6.02 -6.23
N MET A 1 -5.78 -0.30 -5.50
CA MET A 1 -6.05 0.44 -4.24
C MET A 1 -4.80 1.19 -3.81
N CYS A 2 -4.79 2.48 -4.10
CA CYS A 2 -3.68 3.34 -3.73
C CYS A 2 -3.92 3.98 -2.38
N CYS A 3 -2.95 3.86 -1.50
CA CYS A 3 -3.02 4.41 -0.15
C CYS A 3 -2.09 5.60 0.03
N GLY A 4 -1.66 6.22 -1.07
CA GLY A 4 -0.79 7.37 -0.97
C GLY A 4 -0.19 7.77 -2.30
N GLU A 5 -0.66 8.87 -2.86
CA GLU A 5 -0.15 9.36 -4.12
C GLU A 5 1.17 10.09 -3.91
N GLY A 6 2.10 9.88 -4.83
CA GLY A 6 3.42 10.48 -4.70
C GLY A 6 4.29 9.68 -3.75
N SER A 7 3.71 8.64 -3.19
CA SER A 7 4.36 7.84 -2.17
C SER A 7 4.58 6.40 -2.65
N SER A 8 5.39 5.66 -1.91
CA SER A 8 5.67 4.26 -2.24
C SER A 8 5.46 3.40 -0.99
N CYS A 9 4.43 3.74 -0.24
CA CYS A 9 4.07 3.06 0.99
C CYS A 9 2.96 2.02 0.81
N PRO A 10 3.25 0.74 0.82
CA PRO A 10 2.21 -0.26 0.85
C PRO A 10 1.83 -0.66 2.26
N LYS A 11 0.72 -1.36 2.36
CA LYS A 11 0.25 -1.87 3.63
C LYS A 11 0.00 -3.36 3.50
N TYR A 12 0.39 -4.11 4.52
CA TYR A 12 0.18 -5.53 4.51
C TYR A 12 -0.66 -5.96 5.70
N PHE A 13 -1.39 -7.02 5.52
CA PHE A 13 -2.15 -7.63 6.58
C PHE A 13 -1.58 -9.01 6.80
N ARG A 14 -0.93 -9.21 7.94
CA ARG A 14 -0.17 -10.42 8.22
C ARG A 14 1.05 -10.47 7.31
N ASN A 15 0.82 -10.84 6.06
CA ASN A 15 1.87 -10.86 5.06
C ASN A 15 1.27 -10.72 3.67
N SER A 16 0.07 -10.17 3.60
CA SER A 16 -0.62 -9.98 2.35
C SER A 16 -0.75 -8.49 2.07
N GLN A 17 -0.24 -8.05 0.92
CA GLN A 17 -0.32 -6.64 0.57
C GLN A 17 -1.77 -6.26 0.32
N ILE A 18 -2.30 -5.37 1.14
CA ILE A 18 -3.69 -4.99 1.04
C ILE A 18 -3.86 -3.73 0.21
N CYS A 19 -2.80 -2.95 0.11
CA CYS A 19 -2.78 -1.79 -0.76
C CYS A 19 -1.37 -1.29 -0.92
N HIS A 20 -1.17 -0.44 -1.89
CA HIS A 20 0.12 0.19 -2.14
C HIS A 20 -0.09 1.67 -2.32
N CYS A 21 0.96 2.42 -2.27
CA CYS A 21 0.88 3.86 -2.46
C CYS A 21 1.16 4.17 -3.92
N CYS A 22 0.26 4.96 -4.49
CA CYS A 22 0.29 5.30 -5.91
C CYS A 22 1.57 5.99 -6.30
N MET A 1 -5.34 -0.69 -5.56
CA MET A 1 -5.77 0.26 -4.50
C MET A 1 -4.59 1.07 -4.00
N CYS A 2 -4.64 2.36 -4.24
CA CYS A 2 -3.60 3.27 -3.79
C CYS A 2 -3.92 3.86 -2.42
N CYS A 3 -2.94 3.83 -1.54
CA CYS A 3 -3.09 4.38 -0.20
C CYS A 3 -2.17 5.57 0.01
N GLY A 4 -1.70 6.19 -1.07
CA GLY A 4 -0.84 7.34 -0.94
C GLY A 4 -0.18 7.74 -2.24
N GLU A 5 -0.69 8.78 -2.85
CA GLU A 5 -0.12 9.28 -4.09
C GLU A 5 1.15 10.06 -3.80
N GLY A 6 2.12 9.93 -4.70
CA GLY A 6 3.41 10.56 -4.51
C GLY A 6 4.28 9.78 -3.55
N SER A 7 3.78 8.63 -3.12
CA SER A 7 4.46 7.80 -2.16
C SER A 7 4.57 6.35 -2.65
N SER A 8 5.41 5.57 -2.00
CA SER A 8 5.59 4.17 -2.36
C SER A 8 5.34 3.26 -1.15
N CYS A 9 4.45 3.72 -0.27
CA CYS A 9 4.10 3.04 0.97
C CYS A 9 2.98 2.01 0.80
N PRO A 10 3.27 0.72 0.83
CA PRO A 10 2.22 -0.27 0.84
C PRO A 10 1.81 -0.67 2.25
N LYS A 11 0.67 -1.32 2.34
CA LYS A 11 0.17 -1.80 3.61
C LYS A 11 -0.08 -3.29 3.52
N TYR A 12 0.39 -4.03 4.50
CA TYR A 12 0.20 -5.48 4.51
C TYR A 12 -0.57 -5.90 5.73
N PHE A 13 -1.37 -6.93 5.56
CA PHE A 13 -2.05 -7.57 6.66
C PHE A 13 -1.43 -8.94 6.84
N ARG A 14 -0.73 -9.12 7.95
CA ARG A 14 0.07 -10.32 8.17
C ARG A 14 1.22 -10.38 7.18
N ASN A 15 0.91 -10.78 5.96
CA ASN A 15 1.89 -10.86 4.90
C ASN A 15 1.22 -10.71 3.54
N SER A 16 0.04 -10.12 3.54
CA SER A 16 -0.71 -9.89 2.31
C SER A 16 -0.87 -8.41 2.06
N GLN A 17 -0.43 -7.95 0.91
CA GLN A 17 -0.51 -6.53 0.59
C GLN A 17 -1.96 -6.14 0.36
N ILE A 18 -2.47 -5.31 1.25
CA ILE A 18 -3.85 -4.89 1.18
C ILE A 18 -4.01 -3.61 0.37
N CYS A 19 -2.89 -2.93 0.16
CA CYS A 19 -2.84 -1.79 -0.75
C CYS A 19 -1.42 -1.31 -0.91
N HIS A 20 -1.21 -0.43 -1.86
CA HIS A 20 0.09 0.15 -2.13
C HIS A 20 -0.08 1.65 -2.32
N CYS A 21 1.01 2.37 -2.28
CA CYS A 21 0.93 3.80 -2.48
C CYS A 21 1.22 4.13 -3.93
N CYS A 22 0.36 4.98 -4.48
CA CYS A 22 0.35 5.32 -5.90
C CYS A 22 1.65 5.98 -6.33
N MET A 1 -5.58 -0.65 -5.43
CA MET A 1 -5.90 0.26 -4.30
C MET A 1 -4.67 1.06 -3.89
N CYS A 2 -4.73 2.36 -4.15
CA CYS A 2 -3.67 3.26 -3.75
C CYS A 2 -3.95 3.88 -2.39
N CYS A 3 -2.97 3.79 -1.51
CA CYS A 3 -3.08 4.34 -0.17
C CYS A 3 -2.17 5.56 0.01
N GLY A 4 -1.78 6.19 -1.09
CA GLY A 4 -0.95 7.37 -0.97
C GLY A 4 -0.27 7.76 -2.27
N GLU A 5 -0.73 8.83 -2.88
CA GLU A 5 -0.10 9.34 -4.10
C GLU A 5 1.15 10.13 -3.75
N GLY A 6 2.16 10.01 -4.60
CA GLY A 6 3.43 10.66 -4.32
C GLY A 6 4.25 9.88 -3.34
N SER A 7 3.75 8.71 -2.97
CA SER A 7 4.38 7.86 -1.98
C SER A 7 4.54 6.45 -2.53
N SER A 8 5.42 5.67 -1.91
CA SER A 8 5.66 4.30 -2.33
C SER A 8 5.47 3.35 -1.13
N CYS A 9 4.48 3.65 -0.32
CA CYS A 9 4.16 2.90 0.88
C CYS A 9 3.08 1.83 0.64
N PRO A 10 3.41 0.55 0.60
CA PRO A 10 2.40 -0.47 0.60
C PRO A 10 2.04 -0.92 2.02
N LYS A 11 0.83 -1.40 2.17
CA LYS A 11 0.35 -1.83 3.47
C LYS A 11 0.03 -3.30 3.42
N TYR A 12 0.49 -4.04 4.41
CA TYR A 12 0.26 -5.47 4.44
C TYR A 12 -0.51 -5.88 5.67
N PHE A 13 -1.38 -6.84 5.50
CA PHE A 13 -2.12 -7.43 6.58
C PHE A 13 -1.50 -8.78 6.88
N ARG A 14 -0.77 -8.85 7.99
CA ARG A 14 0.02 -10.04 8.34
C ARG A 14 1.17 -10.22 7.36
N ASN A 15 0.84 -10.63 6.14
CA ASN A 15 1.82 -10.77 5.08
C ASN A 15 1.14 -10.67 3.72
N SER A 16 -0.06 -10.12 3.70
CA SER A 16 -0.82 -9.98 2.47
C SER A 16 -0.97 -8.50 2.12
N GLN A 17 -0.52 -8.12 0.93
CA GLN A 17 -0.58 -6.72 0.52
C GLN A 17 -2.02 -6.30 0.31
N ILE A 18 -2.47 -5.36 1.12
CA ILE A 18 -3.85 -4.91 1.06
C ILE A 18 -3.98 -3.65 0.22
N CYS A 19 -2.85 -2.98 0.01
CA CYS A 19 -2.80 -1.84 -0.88
C CYS A 19 -1.37 -1.37 -1.05
N HIS A 20 -1.19 -0.47 -1.99
CA HIS A 20 0.10 0.13 -2.25
C HIS A 20 -0.08 1.61 -2.38
N CYS A 21 1.00 2.35 -2.34
CA CYS A 21 0.92 3.78 -2.50
C CYS A 21 1.21 4.15 -3.95
N CYS A 22 0.30 4.92 -4.51
CA CYS A 22 0.35 5.34 -5.91
C CYS A 22 1.63 6.08 -6.21
N MET A 1 -5.45 -0.84 -5.25
CA MET A 1 -5.87 0.16 -4.24
C MET A 1 -4.69 1.00 -3.80
N CYS A 2 -4.74 2.29 -4.11
CA CYS A 2 -3.68 3.22 -3.72
C CYS A 2 -3.97 3.87 -2.38
N CYS A 3 -2.95 3.87 -1.52
CA CYS A 3 -3.06 4.48 -0.19
C CYS A 3 -2.09 5.66 -0.04
N GLY A 4 -1.64 6.22 -1.15
CA GLY A 4 -0.71 7.33 -1.06
C GLY A 4 -0.15 7.76 -2.39
N GLU A 5 -0.65 8.87 -2.89
CA GLU A 5 -0.23 9.40 -4.17
C GLU A 5 1.10 10.13 -4.04
N GLY A 6 2.06 9.75 -4.88
CA GLY A 6 3.39 10.32 -4.81
C GLY A 6 4.20 9.65 -3.72
N SER A 7 3.67 8.56 -3.20
CA SER A 7 4.28 7.85 -2.10
C SER A 7 4.57 6.40 -2.50
N SER A 8 5.48 5.76 -1.78
CA SER A 8 5.85 4.37 -2.07
C SER A 8 5.62 3.49 -0.83
N CYS A 9 4.49 3.73 -0.17
CA CYS A 9 4.12 3.02 1.04
C CYS A 9 3.02 1.99 0.81
N PRO A 10 3.32 0.69 0.80
CA PRO A 10 2.30 -0.31 0.80
C PRO A 10 1.91 -0.76 2.19
N LYS A 11 0.75 -1.35 2.33
CA LYS A 11 0.28 -1.83 3.60
C LYS A 11 0.01 -3.32 3.51
N TYR A 12 0.38 -4.05 4.54
CA TYR A 12 0.19 -5.49 4.55
C TYR A 12 -0.62 -5.93 5.75
N PHE A 13 -1.38 -6.99 5.53
CA PHE A 13 -2.12 -7.65 6.58
C PHE A 13 -1.53 -9.04 6.75
N ARG A 14 -0.85 -9.25 7.88
CA ARG A 14 -0.08 -10.48 8.11
C ARG A 14 1.11 -10.54 7.17
N ASN A 15 0.85 -10.84 5.91
CA ASN A 15 1.87 -10.84 4.86
C ASN A 15 1.21 -10.66 3.50
N SER A 16 0.02 -10.08 3.51
CA SER A 16 -0.73 -9.84 2.28
C SER A 16 -0.83 -8.35 2.03
N GLN A 17 -0.35 -7.89 0.88
CA GLN A 17 -0.45 -6.48 0.55
C GLN A 17 -1.91 -6.10 0.35
N ILE A 18 -2.42 -5.24 1.22
CA ILE A 18 -3.81 -4.86 1.17
C ILE A 18 -4.00 -3.58 0.36
N CYS A 19 -2.90 -2.87 0.16
CA CYS A 19 -2.89 -1.72 -0.71
C CYS A 19 -1.46 -1.25 -0.88
N HIS A 20 -1.25 -0.40 -1.86
CA HIS A 20 0.05 0.18 -2.12
C HIS A 20 -0.11 1.67 -2.28
N CYS A 21 0.98 2.38 -2.24
CA CYS A 21 0.93 3.80 -2.43
C CYS A 21 1.22 4.13 -3.89
N CYS A 22 0.28 4.87 -4.48
CA CYS A 22 0.30 5.20 -5.88
C CYS A 22 1.58 5.90 -6.29
N MET A 1 -5.46 -0.73 -5.31
CA MET A 1 -5.86 0.30 -4.33
C MET A 1 -4.65 1.10 -3.87
N CYS A 2 -4.68 2.40 -4.14
CA CYS A 2 -3.61 3.29 -3.73
C CYS A 2 -3.90 3.90 -2.36
N CYS A 3 -2.92 3.81 -1.47
CA CYS A 3 -3.03 4.37 -0.14
C CYS A 3 -2.12 5.58 0.05
N GLY A 4 -1.67 6.17 -1.05
CA GLY A 4 -0.81 7.33 -0.94
C GLY A 4 -0.22 7.75 -2.26
N GLU A 5 -0.68 8.87 -2.79
CA GLU A 5 -0.18 9.41 -4.04
C GLU A 5 1.13 10.14 -3.80
N GLY A 6 2.11 9.85 -4.65
CA GLY A 6 3.43 10.45 -4.49
C GLY A 6 4.25 9.71 -3.46
N SER A 7 3.75 8.55 -3.07
CA SER A 7 4.40 7.75 -2.05
C SER A 7 4.60 6.31 -2.54
N SER A 8 5.46 5.57 -1.86
CA SER A 8 5.73 4.18 -2.23
C SER A 8 5.45 3.27 -1.03
N CYS A 9 4.45 3.64 -0.25
CA CYS A 9 4.06 2.93 0.96
C CYS A 9 2.95 1.90 0.72
N PRO A 10 3.26 0.61 0.72
CA PRO A 10 2.24 -0.40 0.71
C PRO A 10 1.86 -0.84 2.11
N LYS A 11 0.66 -1.35 2.24
CA LYS A 11 0.17 -1.80 3.52
C LYS A 11 -0.11 -3.30 3.44
N TYR A 12 0.27 -4.03 4.48
CA TYR A 12 0.09 -5.47 4.48
C TYR A 12 -0.70 -5.92 5.68
N PHE A 13 -1.47 -6.96 5.48
CA PHE A 13 -2.17 -7.61 6.55
C PHE A 13 -1.45 -8.92 6.81
N ARG A 14 -0.71 -8.96 7.92
CA ARG A 14 0.18 -10.06 8.24
C ARG A 14 1.33 -10.13 7.22
N ASN A 15 1.03 -10.61 6.03
CA ASN A 15 2.01 -10.66 4.97
C ASN A 15 1.34 -10.49 3.61
N SER A 16 0.08 -10.10 3.62
CA SER A 16 -0.68 -9.96 2.39
C SER A 16 -0.89 -8.48 2.09
N GLN A 17 -0.44 -8.04 0.93
CA GLN A 17 -0.56 -6.63 0.57
C GLN A 17 -2.03 -6.27 0.37
N ILE A 18 -2.47 -5.28 1.10
CA ILE A 18 -3.87 -4.86 1.04
C ILE A 18 -4.03 -3.57 0.24
N CYS A 19 -2.91 -2.89 0.03
CA CYS A 19 -2.87 -1.73 -0.84
C CYS A 19 -1.43 -1.28 -1.01
N HIS A 20 -1.20 -0.47 -2.02
CA HIS A 20 0.10 0.11 -2.25
C HIS A 20 -0.07 1.61 -2.39
N CYS A 21 1.02 2.33 -2.34
CA CYS A 21 0.94 3.76 -2.51
C CYS A 21 1.23 4.12 -3.95
N CYS A 22 0.33 4.92 -4.50
CA CYS A 22 0.36 5.31 -5.91
C CYS A 22 1.66 6.01 -6.26
N MET A 1 -5.28 -0.85 -5.35
CA MET A 1 -5.66 0.15 -4.32
C MET A 1 -4.44 0.92 -3.86
N CYS A 2 -4.47 2.23 -4.05
CA CYS A 2 -3.40 3.08 -3.58
C CYS A 2 -3.67 3.62 -2.18
N CYS A 3 -2.70 3.43 -1.30
CA CYS A 3 -2.80 3.94 0.06
C CYS A 3 -2.56 5.45 0.06
N GLY A 4 -1.80 5.92 -0.91
CA GLY A 4 -1.48 7.32 -0.99
C GLY A 4 -0.70 7.68 -2.23
N GLU A 5 -1.04 8.80 -2.82
CA GLU A 5 -0.37 9.30 -4.01
C GLU A 5 0.93 9.99 -3.65
N GLY A 6 1.88 9.96 -4.58
CA GLY A 6 3.16 10.59 -4.36
C GLY A 6 4.00 9.83 -3.36
N SER A 7 3.57 8.63 -3.05
CA SER A 7 4.22 7.83 -2.03
C SER A 7 4.55 6.43 -2.55
N SER A 8 5.48 5.75 -1.89
CA SER A 8 5.87 4.39 -2.25
C SER A 8 5.69 3.45 -1.05
N CYS A 9 4.60 3.67 -0.33
CA CYS A 9 4.28 2.90 0.86
C CYS A 9 3.17 1.86 0.64
N PRO A 10 3.48 0.58 0.57
CA PRO A 10 2.45 -0.42 0.58
C PRO A 10 2.13 -0.89 2.00
N LYS A 11 0.91 -1.30 2.20
CA LYS A 11 0.48 -1.77 3.50
C LYS A 11 0.12 -3.23 3.42
N TYR A 12 0.53 -3.99 4.41
CA TYR A 12 0.26 -5.41 4.43
C TYR A 12 -0.50 -5.79 5.68
N PHE A 13 -1.38 -6.75 5.52
CA PHE A 13 -2.07 -7.34 6.63
C PHE A 13 -1.49 -8.72 6.85
N ARG A 14 -0.71 -8.85 7.91
CA ARG A 14 0.09 -10.05 8.15
C ARG A 14 1.16 -10.20 7.08
N ASN A 15 0.76 -10.68 5.91
CA ASN A 15 1.66 -10.84 4.79
C ASN A 15 0.88 -10.69 3.48
N SER A 16 -0.26 -10.03 3.55
CA SER A 16 -1.08 -9.81 2.38
C SER A 16 -1.15 -8.33 2.07
N GLN A 17 -0.77 -7.94 0.87
CA GLN A 17 -0.77 -6.53 0.50
C GLN A 17 -2.19 -6.02 0.38
N ILE A 18 -2.56 -5.12 1.26
CA ILE A 18 -3.91 -4.59 1.27
C ILE A 18 -4.00 -3.33 0.43
N CYS A 19 -2.84 -2.73 0.17
CA CYS A 19 -2.76 -1.60 -0.73
C CYS A 19 -1.29 -1.26 -0.97
N HIS A 20 -1.05 -0.52 -2.03
CA HIS A 20 0.26 0.01 -2.33
C HIS A 20 0.13 1.50 -2.53
N CYS A 21 1.21 2.23 -2.43
CA CYS A 21 1.12 3.67 -2.57
C CYS A 21 1.43 4.08 -4.00
N CYS A 22 0.52 4.82 -4.61
CA CYS A 22 0.57 5.17 -6.02
C CYS A 22 1.95 5.67 -6.42
N MET A 1 -5.44 -0.91 -5.34
CA MET A 1 -5.87 0.07 -4.31
C MET A 1 -4.67 0.90 -3.85
N CYS A 2 -4.72 2.19 -4.15
CA CYS A 2 -3.68 3.10 -3.74
C CYS A 2 -3.97 3.75 -2.39
N CYS A 3 -2.94 3.85 -1.56
CA CYS A 3 -3.06 4.45 -0.25
C CYS A 3 -2.17 5.69 -0.11
N GLY A 4 -1.86 6.35 -1.22
CA GLY A 4 -1.08 7.57 -1.14
C GLY A 4 -0.30 7.86 -2.41
N GLU A 5 -0.68 8.90 -3.11
CA GLU A 5 0.04 9.32 -4.30
C GLU A 5 1.30 10.08 -3.92
N GLY A 6 2.33 9.96 -4.74
CA GLY A 6 3.60 10.59 -4.44
C GLY A 6 4.36 9.82 -3.38
N SER A 7 3.82 8.67 -3.03
CA SER A 7 4.39 7.83 -2.00
C SER A 7 4.58 6.40 -2.50
N SER A 8 5.40 5.63 -1.81
CA SER A 8 5.64 4.24 -2.17
C SER A 8 5.41 3.33 -0.96
N CYS A 9 4.39 3.66 -0.20
CA CYS A 9 4.02 2.93 1.01
C CYS A 9 2.94 1.88 0.75
N PRO A 10 3.29 0.60 0.73
CA PRO A 10 2.28 -0.44 0.73
C PRO A 10 1.93 -0.90 2.12
N LYS A 11 0.70 -1.34 2.30
CA LYS A 11 0.24 -1.82 3.58
C LYS A 11 -0.01 -3.31 3.50
N TYR A 12 0.40 -4.03 4.51
CA TYR A 12 0.21 -5.47 4.53
C TYR A 12 -0.56 -5.91 5.75
N PHE A 13 -1.35 -6.95 5.55
CA PHE A 13 -2.05 -7.59 6.63
C PHE A 13 -1.42 -8.96 6.82
N ARG A 14 -0.67 -9.11 7.91
CA ARG A 14 0.15 -10.29 8.13
C ARG A 14 1.29 -10.32 7.11
N ASN A 15 0.98 -10.73 5.90
CA ASN A 15 1.93 -10.75 4.81
C ASN A 15 1.20 -10.57 3.48
N SER A 16 -0.05 -10.12 3.57
CA SER A 16 -0.87 -9.93 2.40
C SER A 16 -0.99 -8.44 2.11
N GLN A 17 -0.52 -8.02 0.94
CA GLN A 17 -0.59 -6.61 0.60
C GLN A 17 -2.04 -6.19 0.43
N ILE A 18 -2.47 -5.25 1.26
CA ILE A 18 -3.86 -4.79 1.22
C ILE A 18 -3.99 -3.52 0.40
N CYS A 19 -2.87 -2.85 0.17
CA CYS A 19 -2.82 -1.71 -0.73
C CYS A 19 -1.40 -1.27 -0.94
N HIS A 20 -1.21 -0.40 -1.91
CA HIS A 20 0.09 0.17 -2.20
C HIS A 20 -0.09 1.66 -2.40
N CYS A 21 0.98 2.39 -2.32
CA CYS A 21 0.90 3.83 -2.49
C CYS A 21 1.23 4.20 -3.93
N CYS A 22 0.27 4.87 -4.56
CA CYS A 22 0.33 5.26 -5.96
C CYS A 22 1.60 6.01 -6.28
N MET A 1 -5.56 -0.76 -5.32
CA MET A 1 -5.89 0.21 -4.25
C MET A 1 -4.66 1.01 -3.83
N CYS A 2 -4.70 2.30 -4.08
CA CYS A 2 -3.64 3.20 -3.64
C CYS A 2 -3.95 3.81 -2.28
N CYS A 3 -2.95 3.82 -1.42
CA CYS A 3 -3.09 4.41 -0.09
C CYS A 3 -2.20 5.63 0.08
N GLY A 4 -1.84 6.28 -1.02
CA GLY A 4 -1.04 7.49 -0.95
C GLY A 4 -0.33 7.81 -2.25
N GLU A 5 -0.72 8.91 -2.87
CA GLU A 5 -0.08 9.36 -4.11
C GLU A 5 1.23 10.06 -3.80
N GLY A 6 2.16 9.96 -4.74
CA GLY A 6 3.47 10.55 -4.56
C GLY A 6 4.29 9.79 -3.54
N SER A 7 3.80 8.63 -3.18
CA SER A 7 4.40 7.82 -2.14
C SER A 7 4.63 6.39 -2.64
N SER A 8 5.43 5.62 -1.91
CA SER A 8 5.71 4.24 -2.28
C SER A 8 5.47 3.32 -1.08
N CYS A 9 4.49 3.69 -0.27
CA CYS A 9 4.11 2.97 0.93
C CYS A 9 2.99 1.94 0.70
N PRO A 10 3.29 0.65 0.70
CA PRO A 10 2.25 -0.35 0.70
C PRO A 10 1.87 -0.76 2.12
N LYS A 11 0.69 -1.34 2.24
CA LYS A 11 0.21 -1.80 3.53
C LYS A 11 -0.05 -3.29 3.45
N TYR A 12 0.33 -4.01 4.49
CA TYR A 12 0.14 -5.45 4.51
C TYR A 12 -0.69 -5.88 5.71
N PHE A 13 -1.42 -6.96 5.51
CA PHE A 13 -2.15 -7.60 6.58
C PHE A 13 -1.51 -8.95 6.83
N ARG A 14 -0.83 -9.06 7.95
CA ARG A 14 0.00 -10.23 8.25
C ARG A 14 1.18 -10.30 7.27
N ASN A 15 0.91 -10.77 6.07
CA ASN A 15 1.91 -10.84 5.03
C ASN A 15 1.23 -10.73 3.65
N SER A 16 0.07 -10.11 3.64
CA SER A 16 -0.68 -9.92 2.41
C SER A 16 -0.81 -8.45 2.10
N GLN A 17 -0.40 -8.03 0.90
CA GLN A 17 -0.49 -6.63 0.53
C GLN A 17 -1.95 -6.25 0.33
N ILE A 18 -2.41 -5.30 1.12
CA ILE A 18 -3.81 -4.88 1.04
C ILE A 18 -3.96 -3.60 0.24
N CYS A 19 -2.85 -2.91 0.04
CA CYS A 19 -2.82 -1.76 -0.84
C CYS A 19 -1.39 -1.29 -1.03
N HIS A 20 -1.20 -0.39 -1.97
CA HIS A 20 0.10 0.18 -2.24
C HIS A 20 -0.06 1.68 -2.36
N CYS A 21 1.03 2.39 -2.34
CA CYS A 21 0.97 3.83 -2.52
C CYS A 21 1.26 4.17 -3.96
N CYS A 22 0.34 4.95 -4.53
CA CYS A 22 0.37 5.35 -5.93
C CYS A 22 1.66 6.05 -6.29
N MET A 1 -5.46 -0.67 -5.59
CA MET A 1 -5.81 0.24 -4.47
C MET A 1 -4.60 1.02 -4.01
N CYS A 2 -4.63 2.32 -4.21
CA CYS A 2 -3.58 3.21 -3.72
C CYS A 2 -3.93 3.76 -2.34
N CYS A 3 -2.98 3.68 -1.43
CA CYS A 3 -3.14 4.20 -0.09
C CYS A 3 -2.22 5.38 0.17
N GLY A 4 -2.00 6.20 -0.86
CA GLY A 4 -1.20 7.37 -0.68
C GLY A 4 -0.44 7.74 -1.94
N GLU A 5 -0.84 8.83 -2.57
CA GLU A 5 -0.19 9.28 -3.78
C GLU A 5 1.11 10.01 -3.45
N GLY A 6 2.08 9.89 -4.33
CA GLY A 6 3.37 10.49 -4.11
C GLY A 6 4.19 9.66 -3.14
N SER A 7 3.67 8.50 -2.81
CA SER A 7 4.29 7.64 -1.83
C SER A 7 4.60 6.27 -2.44
N SER A 8 5.50 5.53 -1.81
CA SER A 8 5.91 4.22 -2.28
C SER A 8 5.66 3.16 -1.20
N CYS A 9 4.57 3.36 -0.47
CA CYS A 9 4.22 2.51 0.66
C CYS A 9 3.12 1.50 0.33
N PRO A 10 3.45 0.21 0.21
CA PRO A 10 2.42 -0.79 0.20
C PRO A 10 2.08 -1.27 1.60
N LYS A 11 0.81 -1.42 1.86
CA LYS A 11 0.35 -1.79 3.18
C LYS A 11 0.08 -3.27 3.24
N TYR A 12 0.56 -3.91 4.27
CA TYR A 12 0.34 -5.32 4.44
C TYR A 12 -0.48 -5.60 5.68
N PHE A 13 -1.34 -6.58 5.57
CA PHE A 13 -2.08 -7.08 6.71
C PHE A 13 -1.52 -8.44 7.03
N ARG A 14 -0.77 -8.52 8.12
CA ARG A 14 -0.01 -9.71 8.48
C ARG A 14 1.12 -9.91 7.47
N ASN A 15 0.78 -10.43 6.31
CA ASN A 15 1.75 -10.64 5.25
C ASN A 15 1.07 -10.52 3.87
N SER A 16 -0.10 -9.93 3.85
CA SER A 16 -0.85 -9.76 2.61
C SER A 16 -0.89 -8.29 2.22
N GLN A 17 -0.40 -7.97 1.03
CA GLN A 17 -0.42 -6.59 0.57
C GLN A 17 -1.85 -6.19 0.25
N ILE A 18 -2.40 -5.31 1.07
CA ILE A 18 -3.79 -4.93 0.94
C ILE A 18 -3.95 -3.72 0.04
N CYS A 19 -2.85 -3.03 -0.21
CA CYS A 19 -2.83 -1.90 -1.12
C CYS A 19 -1.41 -1.42 -1.32
N HIS A 20 -1.24 -0.57 -2.30
CA HIS A 20 0.05 0.05 -2.57
C HIS A 20 -0.14 1.54 -2.56
N CYS A 21 0.94 2.27 -2.51
CA CYS A 21 0.85 3.71 -2.57
C CYS A 21 1.08 4.18 -3.99
N CYS A 22 0.36 5.22 -4.38
CA CYS A 22 0.38 5.71 -5.75
C CYS A 22 1.55 6.64 -5.96
N MET A 1 -5.37 -0.77 -5.41
CA MET A 1 -5.83 0.24 -4.43
C MET A 1 -4.66 1.05 -3.89
N CYS A 2 -4.70 2.35 -4.09
CA CYS A 2 -3.67 3.23 -3.58
C CYS A 2 -4.02 3.80 -2.22
N CYS A 3 -3.01 3.82 -1.35
CA CYS A 3 -3.15 4.38 -0.02
C CYS A 3 -2.29 5.64 0.14
N GLY A 4 -1.81 6.18 -0.97
CA GLY A 4 -1.01 7.39 -0.91
C GLY A 4 -0.33 7.72 -2.23
N GLU A 5 -0.76 8.80 -2.85
CA GLU A 5 -0.13 9.26 -4.08
C GLU A 5 1.16 10.00 -3.76
N GLY A 6 2.14 9.87 -4.63
CA GLY A 6 3.42 10.50 -4.42
C GLY A 6 4.27 9.74 -3.41
N SER A 7 3.76 8.58 -3.01
CA SER A 7 4.40 7.77 -2.00
C SER A 7 4.61 6.34 -2.49
N SER A 8 5.48 5.60 -1.82
CA SER A 8 5.80 4.24 -2.20
C SER A 8 5.52 3.27 -1.05
N CYS A 9 4.47 3.56 -0.31
CA CYS A 9 4.08 2.78 0.85
C CYS A 9 2.95 1.78 0.58
N PRO A 10 3.24 0.49 0.50
CA PRO A 10 2.19 -0.50 0.53
C PRO A 10 1.90 -0.97 1.94
N LYS A 11 0.67 -1.37 2.16
CA LYS A 11 0.26 -1.84 3.47
C LYS A 11 0.00 -3.33 3.42
N TYR A 12 0.46 -4.04 4.41
CA TYR A 12 0.24 -5.48 4.47
C TYR A 12 -0.60 -5.85 5.67
N PHE A 13 -1.40 -6.86 5.49
CA PHE A 13 -2.14 -7.46 6.57
C PHE A 13 -1.50 -8.80 6.86
N ARG A 14 -0.77 -8.87 7.96
CA ARG A 14 0.07 -10.02 8.26
C ARG A 14 1.21 -10.11 7.25
N ASN A 15 0.92 -10.64 6.08
CA ASN A 15 1.90 -10.76 5.03
C ASN A 15 1.24 -10.62 3.67
N SER A 16 0.02 -10.08 3.66
CA SER A 16 -0.72 -9.89 2.42
C SER A 16 -0.88 -8.41 2.13
N GLN A 17 -0.37 -7.97 0.98
CA GLN A 17 -0.44 -6.55 0.64
C GLN A 17 -1.90 -6.17 0.36
N ILE A 18 -2.40 -5.24 1.13
CA ILE A 18 -3.81 -4.84 1.04
C ILE A 18 -3.98 -3.56 0.24
N CYS A 19 -2.87 -2.88 -0.02
CA CYS A 19 -2.87 -1.72 -0.88
C CYS A 19 -1.45 -1.26 -1.11
N HIS A 20 -1.27 -0.37 -2.06
CA HIS A 20 0.03 0.21 -2.35
C HIS A 20 -0.12 1.70 -2.41
N CYS A 21 0.97 2.40 -2.37
CA CYS A 21 0.94 3.84 -2.54
C CYS A 21 1.28 4.17 -3.98
N CYS A 22 0.38 4.96 -4.58
CA CYS A 22 0.49 5.36 -5.98
C CYS A 22 1.83 6.03 -6.25
N MET A 1 -5.80 -0.35 -5.68
CA MET A 1 -6.06 0.42 -4.44
C MET A 1 -4.81 1.15 -3.98
N CYS A 2 -4.77 2.43 -4.24
CA CYS A 2 -3.69 3.29 -3.78
C CYS A 2 -4.01 3.91 -2.43
N CYS A 3 -3.04 3.87 -1.53
CA CYS A 3 -3.20 4.41 -0.20
C CYS A 3 -2.26 5.59 0.04
N GLY A 4 -1.81 6.25 -1.02
CA GLY A 4 -0.95 7.39 -0.86
C GLY A 4 -0.24 7.80 -2.14
N GLU A 5 -0.61 8.95 -2.67
CA GLU A 5 0.02 9.48 -3.87
C GLU A 5 1.38 10.08 -3.53
N GLY A 6 2.28 10.05 -4.49
CA GLY A 6 3.62 10.58 -4.28
C GLY A 6 4.41 9.72 -3.33
N SER A 7 3.86 8.56 -3.01
CA SER A 7 4.43 7.66 -2.04
C SER A 7 4.58 6.25 -2.62
N SER A 8 5.40 5.43 -1.98
CA SER A 8 5.62 4.06 -2.44
C SER A 8 5.36 3.07 -1.29
N CYS A 9 4.47 3.48 -0.40
CA CYS A 9 4.12 2.72 0.79
C CYS A 9 2.96 1.74 0.58
N PRO A 10 3.21 0.43 0.54
CA PRO A 10 2.14 -0.53 0.57
C PRO A 10 1.82 -0.95 1.99
N LYS A 11 0.59 -1.35 2.20
CA LYS A 11 0.15 -1.80 3.50
C LYS A 11 -0.09 -3.29 3.47
N TYR A 12 0.32 -3.98 4.51
CA TYR A 12 0.14 -5.41 4.57
C TYR A 12 -0.75 -5.80 5.73
N PHE A 13 -1.45 -6.90 5.53
CA PHE A 13 -2.20 -7.55 6.58
C PHE A 13 -1.50 -8.85 6.87
N ARG A 14 -0.81 -8.90 8.00
CA ARG A 14 0.09 -10.02 8.32
C ARG A 14 1.25 -10.04 7.33
N ASN A 15 1.03 -10.65 6.18
CA ASN A 15 2.06 -10.76 5.15
C ASN A 15 1.46 -10.55 3.77
N SER A 16 0.23 -10.08 3.72
CA SER A 16 -0.46 -9.89 2.45
C SER A 16 -0.66 -8.41 2.17
N GLN A 17 -0.14 -7.95 1.05
CA GLN A 17 -0.30 -6.54 0.66
C GLN A 17 -1.75 -6.25 0.36
N ILE A 18 -2.33 -5.34 1.11
CA ILE A 18 -3.74 -5.01 0.97
C ILE A 18 -3.94 -3.76 0.13
N CYS A 19 -2.89 -2.97 -0.02
CA CYS A 19 -2.90 -1.82 -0.90
C CYS A 19 -1.50 -1.29 -1.07
N HIS A 20 -1.33 -0.41 -2.03
CA HIS A 20 -0.03 0.18 -2.30
C HIS A 20 -0.19 1.68 -2.39
N CYS A 21 0.91 2.38 -2.35
CA CYS A 21 0.88 3.82 -2.50
C CYS A 21 1.17 4.17 -3.94
N CYS A 22 0.30 5.01 -4.48
CA CYS A 22 0.34 5.40 -5.89
C CYS A 22 1.61 6.17 -6.20
N MET A 1 -5.96 -0.23 -5.46
CA MET A 1 -6.14 0.58 -4.24
C MET A 1 -4.85 1.31 -3.87
N CYS A 2 -4.80 2.59 -4.17
CA CYS A 2 -3.68 3.42 -3.79
C CYS A 2 -3.92 4.07 -2.44
N CYS A 3 -2.98 3.84 -1.53
CA CYS A 3 -3.08 4.38 -0.19
C CYS A 3 -2.17 5.60 0.00
N GLY A 4 -1.84 6.26 -1.10
CA GLY A 4 -1.03 7.47 -0.99
C GLY A 4 -0.28 7.78 -2.27
N GLU A 5 -0.71 8.81 -2.97
CA GLU A 5 -0.04 9.24 -4.18
C GLU A 5 1.19 10.06 -3.82
N GLY A 6 2.23 9.90 -4.63
CA GLY A 6 3.50 10.53 -4.33
C GLY A 6 4.26 9.76 -3.28
N SER A 7 3.72 8.60 -2.94
CA SER A 7 4.27 7.76 -1.90
C SER A 7 4.56 6.36 -2.44
N SER A 8 5.39 5.61 -1.73
CA SER A 8 5.77 4.27 -2.16
C SER A 8 5.48 3.25 -1.05
N CYS A 9 4.46 3.55 -0.27
CA CYS A 9 4.07 2.74 0.89
C CYS A 9 2.98 1.71 0.59
N PRO A 10 3.31 0.43 0.51
CA PRO A 10 2.30 -0.60 0.50
C PRO A 10 1.97 -1.07 1.91
N LYS A 11 0.72 -1.44 2.10
CA LYS A 11 0.27 -1.84 3.41
C LYS A 11 -0.04 -3.33 3.39
N TYR A 12 0.34 -4.03 4.44
CA TYR A 12 0.13 -5.46 4.50
C TYR A 12 -0.73 -5.85 5.70
N PHE A 13 -1.44 -6.93 5.52
CA PHE A 13 -2.17 -7.56 6.59
C PHE A 13 -1.47 -8.87 6.88
N ARG A 14 -0.77 -8.93 8.00
CA ARG A 14 0.13 -10.03 8.30
C ARG A 14 1.28 -10.04 7.30
N ASN A 15 1.06 -10.70 6.18
CA ASN A 15 2.05 -10.77 5.11
C ASN A 15 1.37 -10.60 3.75
N SER A 16 0.11 -10.18 3.76
CA SER A 16 -0.64 -10.02 2.52
C SER A 16 -0.82 -8.54 2.22
N GLN A 17 -0.37 -8.11 1.05
CA GLN A 17 -0.44 -6.70 0.70
C GLN A 17 -1.88 -6.31 0.41
N ILE A 18 -2.39 -5.36 1.17
CA ILE A 18 -3.78 -4.96 1.06
C ILE A 18 -3.93 -3.70 0.21
N CYS A 19 -2.84 -2.99 -0.01
CA CYS A 19 -2.83 -1.85 -0.89
C CYS A 19 -1.42 -1.36 -1.12
N HIS A 20 -1.27 -0.45 -2.04
CA HIS A 20 0.02 0.14 -2.35
C HIS A 20 -0.15 1.63 -2.43
N CYS A 21 0.94 2.34 -2.35
CA CYS A 21 0.90 3.78 -2.50
C CYS A 21 1.23 4.16 -3.93
N CYS A 22 0.36 4.97 -4.51
CA CYS A 22 0.43 5.36 -5.92
C CYS A 22 1.73 6.08 -6.24
N MET A 1 -5.66 -0.53 -5.52
CA MET A 1 -5.99 0.42 -4.43
C MET A 1 -4.75 1.19 -4.00
N CYS A 2 -4.76 2.49 -4.26
CA CYS A 2 -3.67 3.37 -3.85
C CYS A 2 -3.95 3.97 -2.47
N CYS A 3 -3.02 3.77 -1.56
CA CYS A 3 -3.15 4.29 -0.21
C CYS A 3 -2.28 5.52 0.03
N GLY A 4 -1.78 6.14 -1.04
CA GLY A 4 -0.98 7.32 -0.88
C GLY A 4 -0.29 7.74 -2.15
N GLU A 5 -0.71 8.85 -2.72
CA GLU A 5 -0.08 9.40 -3.90
C GLU A 5 1.20 10.14 -3.52
N GLY A 6 2.21 10.05 -4.37
CA GLY A 6 3.48 10.66 -4.08
C GLY A 6 4.28 9.84 -3.08
N SER A 7 3.77 8.65 -2.80
CA SER A 7 4.38 7.77 -1.84
C SER A 7 4.58 6.37 -2.44
N SER A 8 5.48 5.59 -1.86
CA SER A 8 5.74 4.23 -2.32
C SER A 8 5.53 3.24 -1.18
N CYS A 9 4.47 3.47 -0.42
CA CYS A 9 4.13 2.66 0.74
C CYS A 9 3.03 1.62 0.45
N PRO A 10 3.36 0.34 0.35
CA PRO A 10 2.34 -0.68 0.35
C PRO A 10 2.03 -1.15 1.75
N LYS A 11 0.78 -1.47 1.98
CA LYS A 11 0.34 -1.86 3.30
C LYS A 11 0.02 -3.34 3.31
N TYR A 12 0.47 -4.03 4.33
CA TYR A 12 0.22 -5.45 4.44
C TYR A 12 -0.57 -5.76 5.69
N PHE A 13 -1.36 -6.79 5.59
CA PHE A 13 -2.07 -7.34 6.72
C PHE A 13 -1.43 -8.68 7.02
N ARG A 14 -0.68 -8.73 8.12
CA ARG A 14 0.17 -9.88 8.46
C ARG A 14 1.30 -10.01 7.44
N ASN A 15 0.97 -10.51 6.26
CA ASN A 15 1.92 -10.64 5.17
C ASN A 15 1.21 -10.59 3.83
N SER A 16 0.00 -10.04 3.83
CA SER A 16 -0.80 -9.92 2.63
C SER A 16 -0.93 -8.46 2.25
N GLN A 17 -0.45 -8.09 1.07
CA GLN A 17 -0.49 -6.70 0.64
C GLN A 17 -1.93 -6.29 0.34
N ILE A 18 -2.44 -5.36 1.12
CA ILE A 18 -3.82 -4.95 1.01
C ILE A 18 -3.98 -3.72 0.14
N CYS A 19 -2.88 -3.02 -0.08
CA CYS A 19 -2.87 -1.87 -0.98
C CYS A 19 -1.45 -1.40 -1.20
N HIS A 20 -1.30 -0.51 -2.16
CA HIS A 20 0.00 0.08 -2.45
C HIS A 20 -0.17 1.58 -2.53
N CYS A 21 0.93 2.30 -2.47
CA CYS A 21 0.87 3.73 -2.57
C CYS A 21 1.18 4.15 -3.99
N CYS A 22 0.27 4.96 -4.52
CA CYS A 22 0.32 5.42 -5.90
C CYS A 22 1.61 6.18 -6.17
N MET A 1 -5.87 -0.44 -5.39
CA MET A 1 -6.09 0.42 -4.20
C MET A 1 -4.83 1.18 -3.83
N CYS A 2 -4.86 2.48 -4.06
CA CYS A 2 -3.76 3.37 -3.67
C CYS A 2 -4.00 3.95 -2.29
N CYS A 3 -3.01 3.80 -1.44
CA CYS A 3 -3.07 4.31 -0.08
C CYS A 3 -2.12 5.49 0.13
N GLY A 4 -1.87 6.25 -0.92
CA GLY A 4 -1.02 7.42 -0.79
C GLY A 4 -0.33 7.80 -2.08
N GLU A 5 -0.78 8.90 -2.68
CA GLU A 5 -0.17 9.40 -3.90
C GLU A 5 1.11 10.16 -3.56
N GLY A 6 2.10 10.04 -4.43
CA GLY A 6 3.39 10.65 -4.19
C GLY A 6 4.19 9.84 -3.19
N SER A 7 3.71 8.64 -2.92
CA SER A 7 4.33 7.76 -1.95
C SER A 7 4.58 6.38 -2.57
N SER A 8 5.43 5.57 -1.95
CA SER A 8 5.74 4.24 -2.45
C SER A 8 5.55 3.19 -1.36
N CYS A 9 4.58 3.46 -0.50
CA CYS A 9 4.28 2.62 0.65
C CYS A 9 3.14 1.62 0.39
N PRO A 10 3.42 0.33 0.26
CA PRO A 10 2.38 -0.67 0.29
C PRO A 10 2.10 -1.14 1.69
N LYS A 11 0.85 -1.48 1.94
CA LYS A 11 0.43 -1.89 3.27
C LYS A 11 0.12 -3.36 3.26
N TYR A 12 0.54 -4.06 4.30
CA TYR A 12 0.27 -5.49 4.41
C TYR A 12 -0.59 -5.78 5.61
N PHE A 13 -1.44 -6.77 5.46
CA PHE A 13 -2.25 -7.26 6.54
C PHE A 13 -1.71 -8.62 6.94
N ARG A 14 -1.09 -8.68 8.11
CA ARG A 14 -0.36 -9.87 8.55
C ARG A 14 0.89 -10.07 7.69
N ASN A 15 0.66 -10.53 6.47
CA ASN A 15 1.73 -10.77 5.52
C ASN A 15 1.20 -10.68 4.09
N SER A 16 0.02 -10.10 3.94
CA SER A 16 -0.60 -9.99 2.63
C SER A 16 -0.74 -8.52 2.24
N GLN A 17 -0.23 -8.17 1.07
CA GLN A 17 -0.30 -6.81 0.59
C GLN A 17 -1.75 -6.43 0.28
N ILE A 18 -2.25 -5.43 0.98
CA ILE A 18 -3.63 -5.03 0.82
C ILE A 18 -3.77 -3.82 -0.10
N CYS A 19 -2.71 -3.04 -0.20
CA CYS A 19 -2.72 -1.88 -1.08
C CYS A 19 -1.31 -1.38 -1.30
N HIS A 20 -1.18 -0.42 -2.20
CA HIS A 20 0.09 0.21 -2.49
C HIS A 20 -0.10 1.70 -2.47
N CYS A 21 0.99 2.42 -2.42
CA CYS A 21 0.93 3.87 -2.49
C CYS A 21 1.17 4.31 -3.92
N CYS A 22 0.21 5.07 -4.42
CA CYS A 22 0.20 5.53 -5.80
C CYS A 22 1.45 6.33 -6.14
N MET A 1 -5.30 -1.19 -5.02
CA MET A 1 -5.70 -0.12 -4.08
C MET A 1 -4.50 0.72 -3.70
N CYS A 2 -4.56 2.01 -3.99
CA CYS A 2 -3.50 2.93 -3.60
C CYS A 2 -3.78 3.58 -2.26
N CYS A 3 -2.78 3.55 -1.40
CA CYS A 3 -2.86 4.16 -0.08
C CYS A 3 -2.54 5.65 -0.15
N GLY A 4 -1.83 6.06 -1.20
CA GLY A 4 -1.46 7.45 -1.35
C GLY A 4 -0.54 7.69 -2.52
N GLU A 5 -0.88 8.67 -3.35
CA GLU A 5 -0.08 9.01 -4.51
C GLU A 5 1.13 9.85 -4.09
N GLY A 6 2.20 9.72 -4.86
CA GLY A 6 3.42 10.44 -4.56
C GLY A 6 4.16 9.81 -3.39
N SER A 7 3.73 8.61 -3.04
CA SER A 7 4.29 7.89 -1.91
C SER A 7 4.69 6.47 -2.30
N SER A 8 5.57 5.87 -1.52
CA SER A 8 6.05 4.52 -1.78
C SER A 8 5.69 3.58 -0.63
N CYS A 9 4.51 3.79 -0.06
CA CYS A 9 4.05 3.04 1.10
C CYS A 9 3.00 1.98 0.77
N PRO A 10 3.35 0.71 0.74
CA PRO A 10 2.35 -0.34 0.73
C PRO A 10 2.01 -0.81 2.12
N LYS A 11 0.78 -1.24 2.29
CA LYS A 11 0.33 -1.74 3.57
C LYS A 11 0.02 -3.21 3.44
N TYR A 12 0.51 -4.01 4.37
CA TYR A 12 0.26 -5.43 4.36
C TYR A 12 -0.44 -5.87 5.62
N PHE A 13 -1.27 -6.88 5.50
CA PHE A 13 -1.89 -7.50 6.63
C PHE A 13 -1.28 -8.88 6.79
N ARG A 14 -0.42 -9.01 7.78
CA ARG A 14 0.40 -10.21 7.96
C ARG A 14 1.41 -10.33 6.82
N ASN A 15 0.92 -10.75 5.66
CA ASN A 15 1.76 -10.85 4.47
C ASN A 15 0.89 -10.66 3.23
N SER A 16 -0.28 -10.09 3.42
CA SER A 16 -1.20 -9.85 2.30
C SER A 16 -1.27 -8.35 2.04
N GLN A 17 -0.90 -7.94 0.84
CA GLN A 17 -0.92 -6.52 0.51
C GLN A 17 -2.35 -6.01 0.47
N ILE A 18 -2.65 -5.08 1.36
CA ILE A 18 -3.98 -4.52 1.43
C ILE A 18 -4.08 -3.22 0.65
N CYS A 19 -2.93 -2.65 0.35
CA CYS A 19 -2.84 -1.53 -0.57
C CYS A 19 -1.37 -1.19 -0.83
N HIS A 20 -1.15 -0.43 -1.89
CA HIS A 20 0.17 0.08 -2.22
C HIS A 20 0.07 1.57 -2.46
N CYS A 21 1.14 2.29 -2.36
CA CYS A 21 1.07 3.72 -2.54
C CYS A 21 1.42 4.08 -3.98
N CYS A 22 0.46 4.74 -4.61
CA CYS A 22 0.52 5.10 -6.02
C CYS A 22 1.79 5.86 -6.35
#